data_4XFE
#
_entry.id   4XFE
#
_cell.length_a   130.001
_cell.length_b   35.054
_cell.length_c   60.833
_cell.angle_alpha   90.000
_cell.angle_beta   99.540
_cell.angle_gamma   90.000
#
_symmetry.space_group_name_H-M   'C 1 2 1'
#
loop_
_entity.id
_entity.type
_entity.pdbx_description
1 polymer 'TRAP dicarboxylate transporter subunit DctP'
2 non-polymer 'beta-D-glucopyranuronic acid'
3 non-polymer '3-CYCLOHEXYL-1-PROPYLSULFONIC ACID'
4 non-polymer 'SULFATE ION'
5 water water
#
_entity_poly.entity_id   1
_entity_poly.type   'polypeptide(L)'
_entity_poly.pdbx_seq_one_letter_code
;(MSE)TFKRKLLLAVLPFAFSVA(MSE)PASALDIKFAEIHPAGYPTVVAEQN(MSE)GKKLEQASNGDITFK(MSE)FA
GGVLGSEKEVIEQAQIGAVQ(MSE)TRVSLGIVGPVVPDVNVFN(MSE)PFVFRDHDH(MSE)RKIIDGEIGQEILDKIT
NSDFNLVALAW(MSE)DGGSRSIYTKKPVRSLEDLKG(MSE)KIRVQGNPLFID(MSE)(MSE)NA(MSE)GGNGIA
(MSE)DTGEIFSALQTGVIDGAENNPPTLLEHNHFQSAKYYTLTGHLILPEPVV(MSE)SKTTWNKLTPEQQVLVKKVAR
EAQ(MSE)EERALWDAKSAASEEKLKAAGVEFITVDKKPFYDATASVREKYGAQYADL(MSE)KRIDAVQAENLYFQGHH
HHHHHHHH
;
_entity_poly.pdbx_strand_id   A
#
# COMPACT_ATOMS: atom_id res chain seq x y z
N LEU A 25 11.64 -18.21 19.16
CA LEU A 25 11.35 -18.00 17.74
C LEU A 25 11.64 -16.55 17.37
N ASP A 26 12.48 -16.35 16.38
CA ASP A 26 12.93 -15.01 16.02
C ASP A 26 12.19 -14.53 14.77
N ILE A 27 11.68 -13.31 14.84
CA ILE A 27 11.00 -12.70 13.70
C ILE A 27 11.86 -11.55 13.17
N LYS A 28 12.29 -11.64 11.91
CA LYS A 28 12.85 -10.48 11.19
C LYS A 28 11.66 -9.87 10.42
N PHE A 29 11.42 -8.59 10.64
CA PHE A 29 10.38 -7.84 9.96
C PHE A 29 11.02 -6.90 8.95
N ALA A 30 10.73 -7.08 7.66
CA ALA A 30 11.30 -6.22 6.61
C ALA A 30 10.39 -5.05 6.27
N GLU A 31 10.98 -3.87 6.10
CA GLU A 31 10.28 -2.67 5.67
C GLU A 31 11.05 -1.88 4.63
N ILE A 32 10.36 -1.41 3.62
CA ILE A 32 10.93 -0.57 2.60
C ILE A 32 11.05 0.87 3.13
N HIS A 33 10.24 1.25 4.11
CA HIS A 33 10.20 2.63 4.58
C HIS A 33 11.30 2.89 5.60
N PRO A 34 11.69 4.16 5.72
CA PRO A 34 12.73 4.50 6.70
C PRO A 34 12.27 4.46 8.13
N ALA A 35 13.24 4.37 9.03
CA ALA A 35 12.98 4.43 10.45
C ALA A 35 12.10 5.63 10.76
N GLY A 36 11.16 5.46 11.68
CA GLY A 36 10.29 6.54 12.09
C GLY A 36 9.01 6.70 11.28
N TYR A 37 8.94 6.06 10.12
CA TYR A 37 7.73 6.12 9.28
C TYR A 37 6.55 5.48 10.03
N PRO A 38 5.31 5.94 9.77
CA PRO A 38 4.20 5.46 10.61
C PRO A 38 4.01 3.93 10.63
N THR A 39 4.16 3.28 9.49
CA THR A 39 4.04 1.80 9.47
C THR A 39 5.13 1.18 10.33
N VAL A 40 6.36 1.65 10.16
CA VAL A 40 7.51 1.13 10.90
C VAL A 40 7.31 1.24 12.39
N VAL A 41 6.84 2.40 12.84
CA VAL A 41 6.63 2.64 14.25
C VAL A 41 5.54 1.70 14.78
N ALA A 42 4.40 1.63 14.09
CA ALA A 42 3.34 0.72 14.52
C ALA A 42 3.82 -0.72 14.59
N GLU A 43 4.60 -1.13 13.61
CA GLU A 43 5.09 -2.49 13.53
C GLU A 43 6.12 -2.81 14.63
N GLN A 44 7.00 -1.85 14.91
N GLN A 44 6.99 -1.86 14.94
CA GLN A 44 7.95 -1.98 16.01
CA GLN A 44 7.96 -2.09 15.99
C GLN A 44 7.19 -2.19 17.30
C GLN A 44 7.26 -2.13 17.35
N ASN A 45 6.18 -1.36 17.51
CA ASN A 45 5.39 -1.42 18.72
C ASN A 45 4.67 -2.77 18.83
N GLY A 47 5.81 -5.52 17.61
CA GLY A 47 6.85 -6.45 17.98
C GLY A 47 7.14 -6.41 19.48
N LYS A 48 7.15 -5.21 20.04
CA LYS A 48 7.35 -5.09 21.49
C LYS A 48 6.27 -5.85 22.27
N LYS A 49 5.03 -5.74 21.80
CA LYS A 49 3.93 -6.46 22.43
C LYS A 49 4.13 -7.96 22.33
N LEU A 50 4.57 -8.45 21.19
CA LEU A 50 4.86 -9.87 21.03
C LEU A 50 5.92 -10.31 22.03
N GLU A 51 6.98 -9.53 22.19
CA GLU A 51 8.03 -9.93 23.12
C GLU A 51 7.52 -9.94 24.54
N GLN A 52 6.78 -8.92 24.92
CA GLN A 52 6.28 -8.80 26.29
C GLN A 52 5.28 -9.92 26.59
N ALA A 53 4.33 -10.16 25.71
CA ALA A 53 3.27 -11.12 26.00
C ALA A 53 3.77 -12.57 26.00
N SER A 54 4.81 -12.85 25.23
CA SER A 54 5.39 -14.18 25.12
C SER A 54 6.53 -14.39 26.11
N ASN A 55 6.74 -13.41 27.00
CA ASN A 55 7.86 -13.47 27.92
C ASN A 55 9.18 -13.78 27.21
N GLY A 56 9.37 -13.19 26.04
CA GLY A 56 10.61 -13.33 25.31
C GLY A 56 10.71 -14.56 24.41
N ASP A 57 9.70 -15.43 24.39
CA ASP A 57 9.75 -16.64 23.57
C ASP A 57 9.60 -16.32 22.08
N ILE A 58 9.06 -15.15 21.78
CA ILE A 58 9.05 -14.63 20.42
C ILE A 58 9.89 -13.36 20.48
N THR A 59 10.93 -13.28 19.66
CA THR A 59 11.72 -12.07 19.56
C THR A 59 11.47 -11.42 18.20
N PHE A 60 11.73 -10.13 18.14
CA PHE A 60 11.33 -9.33 16.98
C PHE A 60 12.39 -8.29 16.71
N LYS A 61 12.82 -8.20 15.45
CA LYS A 61 13.78 -7.21 15.02
C LYS A 61 13.31 -6.58 13.70
N PHE A 63 13.89 -4.48 10.32
CA PHE A 63 14.87 -4.20 9.27
C PHE A 63 14.27 -3.23 8.26
N ALA A 64 14.39 -1.95 8.56
CA ALA A 64 13.74 -0.91 7.78
C ALA A 64 14.68 -0.40 6.71
N GLY A 65 14.16 0.54 5.94
CA GLY A 65 14.94 1.21 4.91
C GLY A 65 15.32 0.36 3.72
N GLY A 66 14.61 -0.73 3.51
CA GLY A 66 14.86 -1.59 2.36
C GLY A 66 16.16 -2.38 2.47
N VAL A 67 16.68 -2.54 3.67
CA VAL A 67 17.95 -3.21 3.82
C VAL A 67 17.88 -4.66 3.34
N LEU A 68 16.72 -5.32 3.45
CA LEU A 68 16.59 -6.71 3.01
C LEU A 68 16.08 -6.82 1.56
N GLY A 69 15.96 -5.69 0.87
CA GLY A 69 15.65 -5.68 -0.54
C GLY A 69 14.35 -4.98 -0.86
N SER A 70 13.99 -5.06 -2.14
CA SER A 70 12.78 -4.48 -2.64
C SER A 70 11.59 -5.23 -2.08
N GLU A 71 10.41 -4.64 -2.19
CA GLU A 71 9.20 -5.31 -1.72
C GLU A 71 8.99 -6.63 -2.44
N LYS A 72 9.20 -6.70 -3.75
CA LYS A 72 9.03 -7.96 -4.46
C LYS A 72 10.04 -9.03 -3.97
N GLU A 73 11.28 -8.62 -3.75
CA GLU A 73 12.31 -9.54 -3.26
C GLU A 73 11.99 -10.02 -1.86
N VAL A 74 11.45 -9.13 -1.02
CA VAL A 74 11.09 -9.53 0.32
C VAL A 74 9.92 -10.52 0.32
N ILE A 75 8.94 -10.33 -0.55
CA ILE A 75 7.83 -11.27 -0.57
C ILE A 75 8.33 -12.65 -0.96
N GLU A 76 9.26 -12.70 -1.91
CA GLU A 76 9.87 -13.96 -2.31
C GLU A 76 10.56 -14.60 -1.11
N GLN A 77 11.27 -13.80 -0.32
CA GLN A 77 11.97 -14.31 0.86
C GLN A 77 10.98 -14.80 1.92
N ALA A 78 9.87 -14.10 2.08
CA ALA A 78 8.88 -14.55 3.04
C ALA A 78 8.28 -15.90 2.62
N GLN A 79 8.10 -16.09 1.31
CA GLN A 79 7.51 -17.35 0.83
C GLN A 79 8.39 -18.54 1.16
N ILE A 80 9.70 -18.34 1.23
CA ILE A 80 10.61 -19.45 1.51
C ILE A 80 11.12 -19.46 2.94
N GLY A 81 10.63 -18.53 3.75
CA GLY A 81 10.90 -18.52 5.17
C GLY A 81 12.17 -17.79 5.57
N ALA A 82 12.78 -17.08 4.63
CA ALA A 82 14.03 -16.37 4.92
C ALA A 82 13.78 -15.02 5.60
N VAL A 83 12.60 -14.47 5.38
CA VAL A 83 12.15 -13.30 6.13
C VAL A 83 10.85 -13.74 6.76
N GLN A 84 10.65 -13.44 8.04
CA GLN A 84 9.47 -13.92 8.74
C GLN A 84 8.23 -13.05 8.59
N THR A 86 6.55 -9.06 6.96
CA THR A 86 6.72 -7.81 6.25
C THR A 86 5.37 -7.13 6.14
N ARG A 87 5.42 -5.86 5.73
CA ARG A 87 4.25 -5.14 5.23
C ARG A 87 4.62 -4.65 3.87
N VAL A 88 3.76 -4.87 2.89
CA VAL A 88 4.03 -4.39 1.54
C VAL A 88 2.76 -3.74 1.00
N SER A 89 2.87 -2.99 -0.08
CA SER A 89 1.67 -2.51 -0.71
C SER A 89 0.96 -3.68 -1.37
N LEU A 90 -0.37 -3.70 -1.29
CA LEU A 90 -1.13 -4.73 -2.00
C LEU A 90 -0.84 -4.70 -3.50
N GLY A 91 -0.42 -3.55 -4.02
CA GLY A 91 -0.15 -3.42 -5.43
C GLY A 91 0.79 -4.47 -5.99
N ILE A 92 1.84 -4.81 -5.24
CA ILE A 92 2.78 -5.84 -5.69
C ILE A 92 2.40 -7.27 -5.30
N VAL A 93 1.32 -7.44 -4.55
CA VAL A 93 0.83 -8.77 -4.22
C VAL A 93 -0.07 -9.34 -5.33
N GLY A 94 -0.69 -8.48 -6.12
CA GLY A 94 -1.55 -8.91 -7.21
C GLY A 94 -0.97 -9.98 -8.14
N PRO A 95 0.28 -9.78 -8.60
CA PRO A 95 0.88 -10.81 -9.46
C PRO A 95 1.10 -12.15 -8.77
N VAL A 96 1.14 -12.17 -7.43
CA VAL A 96 1.31 -13.39 -6.66
C VAL A 96 -0.04 -14.03 -6.33
N VAL A 97 -0.99 -13.21 -5.91
CA VAL A 97 -2.33 -13.65 -5.54
C VAL A 97 -3.34 -12.79 -6.27
N PRO A 98 -3.73 -13.20 -7.48
CA PRO A 98 -4.56 -12.38 -8.37
C PRO A 98 -5.84 -11.89 -7.73
N ASP A 99 -6.44 -12.67 -6.83
CA ASP A 99 -7.74 -12.29 -6.29
C ASP A 99 -7.70 -11.01 -5.43
N VAL A 100 -6.53 -10.60 -4.98
CA VAL A 100 -6.46 -9.35 -4.22
C VAL A 100 -6.60 -8.13 -5.10
N ASN A 101 -6.56 -8.30 -6.43
CA ASN A 101 -6.59 -7.13 -7.30
C ASN A 101 -7.89 -6.32 -7.22
N VAL A 102 -8.94 -6.86 -6.61
CA VAL A 102 -10.14 -6.10 -6.41
C VAL A 102 -9.86 -4.78 -5.68
N PHE A 103 -8.94 -4.78 -4.71
CA PHE A 103 -8.60 -3.57 -3.94
C PHE A 103 -7.59 -2.70 -4.67
N ASN A 104 -6.97 -3.23 -5.72
CA ASN A 104 -5.95 -2.51 -6.49
C ASN A 104 -6.50 -1.75 -7.69
N PRO A 106 -8.35 1.11 -9.95
CA PRO A 106 -8.49 2.57 -9.79
C PRO A 106 -9.92 2.93 -9.42
N PHE A 107 -10.04 3.76 -8.40
CA PHE A 107 -11.34 4.28 -7.94
C PHE A 107 -12.31 3.16 -7.53
N VAL A 108 -11.79 2.05 -7.01
CA VAL A 108 -12.68 1.03 -6.44
C VAL A 108 -13.31 1.52 -5.12
N PHE A 109 -12.59 2.36 -4.38
CA PHE A 109 -13.12 2.97 -3.17
C PHE A 109 -13.45 4.42 -3.47
N ARG A 110 -14.59 4.91 -3.00
CA ARG A 110 -14.96 6.28 -3.27
C ARG A 110 -14.12 7.36 -2.60
N ASP A 111 -13.51 7.02 -1.48
CA ASP A 111 -12.61 7.88 -0.74
C ASP A 111 -11.88 7.10 0.34
N HIS A 112 -11.00 7.77 1.07
CA HIS A 112 -10.16 7.14 2.05
C HIS A 112 -10.98 6.52 3.18
N ASP A 113 -12.01 7.22 3.63
CA ASP A 113 -12.83 6.74 4.72
C ASP A 113 -13.58 5.46 4.33
N HIS A 114 -13.97 5.36 3.08
CA HIS A 114 -14.66 4.18 2.56
C HIS A 114 -13.72 2.98 2.60
N ARG A 116 -11.32 2.52 4.61
CA ARG A 116 -11.14 2.17 6.02
C ARG A 116 -12.29 1.30 6.52
N LYS A 117 -13.51 1.64 6.12
CA LYS A 117 -14.66 0.82 6.51
C LYS A 117 -14.51 -0.60 5.98
N ILE A 118 -14.05 -0.72 4.75
CA ILE A 118 -13.84 -2.01 4.13
C ILE A 118 -12.78 -2.83 4.86
N ILE A 119 -11.61 -2.25 5.12
CA ILE A 119 -10.55 -3.04 5.74
C ILE A 119 -10.83 -3.36 7.20
N ASP A 120 -11.75 -2.63 7.82
CA ASP A 120 -12.13 -2.92 9.20
C ASP A 120 -13.25 -3.97 9.30
N GLY A 121 -13.93 -4.24 8.19
CA GLY A 121 -15.11 -5.10 8.23
C GLY A 121 -14.95 -6.43 7.52
N GLU A 122 -16.09 -7.04 7.19
CA GLU A 122 -16.10 -8.38 6.67
C GLU A 122 -15.30 -8.54 5.37
N ILE A 123 -15.43 -7.61 4.44
CA ILE A 123 -14.72 -7.73 3.17
C ILE A 123 -13.20 -7.69 3.39
N GLY A 124 -12.73 -6.84 4.29
CA GLY A 124 -11.32 -6.82 4.65
C GLY A 124 -10.85 -8.19 5.11
N GLN A 125 -11.68 -8.87 5.91
CA GLN A 125 -11.30 -10.20 6.41
C GLN A 125 -11.25 -11.19 5.26
N GLU A 126 -12.21 -11.10 4.36
CA GLU A 126 -12.27 -12.03 3.24
C GLU A 126 -11.05 -11.92 2.39
N ILE A 127 -10.59 -10.70 2.13
CA ILE A 127 -9.43 -10.55 1.24
C ILE A 127 -8.13 -10.98 1.91
N LEU A 128 -7.98 -10.74 3.23
CA LEU A 128 -6.83 -11.28 3.95
C LEU A 128 -6.84 -12.79 3.82
N ASP A 129 -8.03 -13.38 3.97
CA ASP A 129 -8.15 -14.83 3.91
C ASP A 129 -7.80 -15.38 2.54
N LYS A 130 -8.06 -14.62 1.47
CA LYS A 130 -7.65 -15.08 0.14
C LYS A 130 -6.15 -15.19 0.03
N ILE A 131 -5.40 -14.34 0.72
CA ILE A 131 -3.96 -14.48 0.71
C ILE A 131 -3.55 -15.69 1.54
N THR A 132 -4.11 -15.80 2.73
CA THR A 132 -3.76 -16.88 3.65
C THR A 132 -4.09 -18.26 3.10
N ASN A 133 -5.22 -18.37 2.41
CA ASN A 133 -5.65 -19.67 1.93
C ASN A 133 -5.13 -19.97 0.53
N SER A 134 -4.33 -19.06 -0.02
CA SER A 134 -3.70 -19.27 -1.31
C SER A 134 -2.57 -20.28 -1.16
N ASP A 135 -2.03 -20.76 -2.28
CA ASP A 135 -0.97 -21.76 -2.21
C ASP A 135 0.41 -21.14 -2.13
N PHE A 136 0.48 -19.88 -1.67
CA PHE A 136 1.70 -19.10 -1.83
C PHE A 136 2.47 -18.84 -0.55
N ASN A 137 2.17 -19.63 0.48
CA ASN A 137 2.97 -19.69 1.70
C ASN A 137 3.07 -18.39 2.47
N LEU A 138 1.98 -17.63 2.48
CA LEU A 138 1.88 -16.39 3.23
C LEU A 138 0.63 -16.37 4.07
N VAL A 139 0.73 -15.78 5.25
CA VAL A 139 -0.42 -15.59 6.12
C VAL A 139 -0.65 -14.11 6.32
N ALA A 140 -1.80 -13.62 5.89
CA ALA A 140 -2.10 -12.20 5.96
C ALA A 140 -2.88 -11.88 7.21
N LEU A 141 -2.41 -10.91 7.96
CA LEU A 141 -2.85 -10.69 9.33
C LEU A 141 -3.57 -9.39 9.62
N ALA A 142 -3.33 -8.36 8.84
CA ALA A 142 -3.96 -7.07 9.07
C ALA A 142 -3.66 -6.15 7.91
N TRP A 143 -4.28 -4.97 7.93
CA TRP A 143 -4.17 -3.98 6.86
C TRP A 143 -3.61 -2.69 7.39
N ASP A 145 -2.62 1.34 6.52
CA ASP A 145 -3.07 2.50 5.74
C ASP A 145 -1.91 3.17 5.06
N GLY A 146 -2.04 3.35 3.75
CA GLY A 146 -1.09 4.14 2.96
C GLY A 146 -1.79 5.26 2.22
N GLY A 147 -2.86 5.78 2.80
CA GLY A 147 -3.52 6.94 2.20
C GLY A 147 -3.94 6.69 0.79
N SER A 148 -3.96 7.76 0.01
CA SER A 148 -4.41 7.75 -1.37
C SER A 148 -3.21 8.15 -2.23
N ARG A 149 -3.16 7.62 -3.44
CA ARG A 149 -2.06 7.90 -4.34
C ARG A 149 -2.47 8.90 -5.38
N SER A 150 -1.62 9.91 -5.57
CA SER A 150 -1.82 10.96 -6.57
C SER A 150 -0.53 11.13 -7.38
N ILE A 151 -0.62 11.80 -8.52
CA ILE A 151 0.52 11.86 -9.44
C ILE A 151 1.38 13.08 -9.14
N TYR A 152 2.68 12.85 -8.97
CA TYR A 152 3.65 13.93 -8.90
C TYR A 152 4.57 13.91 -10.09
N THR A 153 4.84 15.10 -10.62
CA THR A 153 5.55 15.23 -11.87
C THR A 153 6.52 16.39 -11.86
N LYS A 154 7.45 16.36 -12.81
CA LYS A 154 8.44 17.40 -12.93
C LYS A 154 7.80 18.65 -13.53
N LYS A 155 6.83 18.47 -14.41
CA LYS A 155 6.09 19.56 -15.04
C LYS A 155 4.61 19.48 -14.65
N PRO A 156 3.92 20.61 -14.52
CA PRO A 156 2.58 20.54 -13.94
C PRO A 156 1.54 19.82 -14.78
N VAL A 157 0.74 18.99 -14.13
CA VAL A 157 -0.38 18.33 -14.78
C VAL A 157 -1.67 18.89 -14.20
N ARG A 158 -2.38 19.67 -14.99
CA ARG A 158 -3.56 20.38 -14.52
C ARG A 158 -4.84 19.81 -15.08
N SER A 159 -4.72 18.76 -15.90
CA SER A 159 -5.84 18.10 -16.53
C SER A 159 -5.41 16.74 -17.03
N LEU A 160 -6.39 15.90 -17.34
CA LEU A 160 -6.10 14.59 -17.89
C LEU A 160 -5.26 14.73 -19.15
N GLU A 161 -5.57 15.73 -19.98
CA GLU A 161 -4.88 15.92 -21.24
C GLU A 161 -3.39 16.18 -21.05
N ASP A 162 -3.01 16.86 -19.96
CA ASP A 162 -1.61 17.21 -19.72
C ASP A 162 -0.75 15.99 -19.44
N LEU A 163 -1.39 14.90 -19.05
CA LEU A 163 -0.69 13.69 -18.71
C LEU A 163 -0.26 12.94 -19.99
N LYS A 164 -0.81 13.36 -21.14
CA LYS A 164 -0.61 12.58 -22.36
C LYS A 164 0.86 12.33 -22.69
N GLY A 165 1.21 11.06 -22.83
CA GLY A 165 2.58 10.68 -23.20
C GLY A 165 3.61 10.72 -22.07
N LYS A 167 5.78 9.63 -18.97
CA LYS A 167 6.21 8.34 -18.40
C LYS A 167 6.09 8.45 -16.89
N ILE A 168 5.17 7.67 -16.34
CA ILE A 168 4.85 7.73 -14.90
C ILE A 168 5.17 6.38 -14.29
N ARG A 169 6.04 6.38 -13.30
CA ARG A 169 6.34 5.12 -12.59
C ARG A 169 5.11 4.63 -11.83
N VAL A 170 4.88 3.33 -11.96
CA VAL A 170 3.89 2.62 -11.18
C VAL A 170 4.55 1.40 -10.54
N GLN A 171 3.86 0.77 -9.59
CA GLN A 171 4.36 -0.48 -9.05
C GLN A 171 4.23 -1.60 -10.07
N GLY A 172 4.98 -2.67 -9.85
CA GLY A 172 5.00 -3.80 -10.77
C GLY A 172 3.78 -4.67 -10.73
N ASN A 173 2.77 -4.25 -11.48
CA ASN A 173 1.49 -4.98 -11.57
C ASN A 173 0.90 -4.57 -12.91
N PRO A 174 0.61 -5.54 -13.79
CA PRO A 174 0.07 -5.16 -15.10
C PRO A 174 -1.16 -4.26 -15.03
N LEU A 175 -1.93 -4.40 -13.96
CA LEU A 175 -3.12 -3.56 -13.73
C LEU A 175 -2.74 -2.07 -13.77
N PHE A 176 -1.63 -1.71 -13.13
CA PHE A 176 -1.27 -0.30 -13.04
C PHE A 176 -0.69 0.22 -14.33
N ILE A 177 -0.05 -0.66 -15.10
N ILE A 177 -0.03 -0.64 -15.09
CA ILE A 177 0.45 -0.28 -16.42
CA ILE A 177 0.45 -0.26 -16.40
C ILE A 177 -0.75 0.01 -17.32
C ILE A 177 -0.75 0.01 -17.31
N ASP A 178 -1.74 -0.88 -17.29
CA ASP A 178 -2.96 -0.68 -18.05
C ASP A 178 -3.69 0.59 -17.62
N ASN A 181 -1.83 3.67 -18.90
CA ASN A 181 -2.03 3.76 -20.34
C ASN A 181 -3.45 4.24 -20.69
N ALA A 182 -4.45 3.80 -19.93
CA ALA A 182 -5.83 4.24 -20.13
C ALA A 182 -5.98 5.72 -19.83
N GLY A 184 -3.76 7.76 -20.69
CA GLY A 184 -3.05 8.41 -21.79
C GLY A 184 -1.56 8.58 -21.56
N GLY A 185 -1.08 8.17 -20.39
CA GLY A 185 0.33 8.18 -20.06
C GLY A 185 1.01 6.88 -20.45
N ASN A 186 2.23 6.71 -19.99
CA ASN A 186 2.99 5.51 -20.22
C ASN A 186 3.44 5.01 -18.87
N GLY A 187 2.87 3.91 -18.42
CA GLY A 187 3.21 3.37 -17.12
C GLY A 187 4.49 2.59 -17.21
N ILE A 188 5.38 2.86 -16.28
CA ILE A 188 6.70 2.25 -16.23
C ILE A 188 6.87 1.62 -14.85
N ALA A 189 6.95 0.30 -14.79
CA ALA A 189 7.12 -0.35 -13.50
C ALA A 189 8.56 -0.30 -13.04
N ASP A 191 11.00 -0.66 -9.07
CA ASP A 191 11.03 -0.84 -7.61
C ASP A 191 11.06 0.52 -6.94
N THR A 192 10.54 0.57 -5.71
CA THR A 192 10.50 1.80 -4.92
C THR A 192 11.84 2.56 -4.94
N GLY A 193 12.93 1.85 -4.69
CA GLY A 193 14.22 2.49 -4.57
C GLY A 193 14.80 3.05 -5.86
N GLU A 194 14.21 2.71 -7.00
CA GLU A 194 14.70 3.17 -8.30
C GLU A 194 14.13 4.52 -8.73
N ILE A 195 13.10 4.98 -8.02
CA ILE A 195 12.33 6.14 -8.47
C ILE A 195 13.14 7.44 -8.38
N PHE A 196 13.85 7.62 -7.28
CA PHE A 196 14.58 8.87 -7.05
C PHE A 196 15.50 9.20 -8.23
N SER A 197 16.35 8.25 -8.62
CA SER A 197 17.30 8.51 -9.70
C SER A 197 16.61 8.67 -11.05
N ALA A 198 15.57 7.89 -11.30
CA ALA A 198 14.83 7.97 -12.56
C ALA A 198 14.18 9.35 -12.71
N LEU A 199 13.70 9.93 -11.61
CA LEU A 199 13.15 11.29 -11.63
C LEU A 199 14.21 12.33 -11.86
N GLN A 200 15.35 12.14 -11.22
CA GLN A 200 16.42 13.12 -11.28
C GLN A 200 16.88 13.27 -12.70
N THR A 201 16.93 12.18 -13.44
CA THR A 201 17.44 12.16 -14.80
C THR A 201 16.38 12.34 -15.89
N GLY A 202 15.11 12.26 -15.54
CA GLY A 202 14.04 12.35 -16.53
C GLY A 202 13.75 11.08 -17.30
N VAL A 203 14.32 9.98 -16.86
CA VAL A 203 13.95 8.67 -17.36
C VAL A 203 12.43 8.41 -17.16
N ILE A 204 11.89 8.95 -16.08
CA ILE A 204 10.44 9.04 -15.92
C ILE A 204 10.16 10.52 -15.71
N ASP A 205 8.94 10.93 -16.03
CA ASP A 205 8.47 12.30 -15.85
C ASP A 205 7.78 12.49 -14.49
N GLY A 206 7.48 11.38 -13.81
CA GLY A 206 6.78 11.45 -12.54
C GLY A 206 6.50 10.08 -11.99
N ALA A 207 5.76 10.06 -10.89
CA ALA A 207 5.35 8.83 -10.25
C ALA A 207 4.04 9.10 -9.52
N GLU A 208 3.57 8.16 -8.73
CA GLU A 208 2.30 8.37 -8.06
C GLU A 208 2.35 7.73 -6.70
N ASN A 209 1.94 8.49 -5.69
CA ASN A 209 2.03 8.02 -4.32
C ASN A 209 1.34 8.98 -3.36
N ASN A 210 1.39 8.63 -2.08
CA ASN A 210 0.86 9.44 -1.01
C ASN A 210 1.88 10.49 -0.53
N PRO A 211 1.44 11.45 0.29
CA PRO A 211 2.38 12.54 0.63
C PRO A 211 3.56 12.09 1.48
N PRO A 212 3.35 11.19 2.46
CA PRO A 212 4.54 10.78 3.24
C PRO A 212 5.61 10.11 2.40
N THR A 213 5.23 9.36 1.37
CA THR A 213 6.24 8.71 0.53
C THR A 213 6.94 9.77 -0.34
N LEU A 214 6.15 10.63 -0.97
CA LEU A 214 6.70 11.75 -1.74
C LEU A 214 7.75 12.51 -0.94
N LEU A 215 7.46 12.74 0.34
CA LEU A 215 8.38 13.45 1.23
C LEU A 215 9.56 12.59 1.72
N GLU A 216 9.26 11.46 2.35
CA GLU A 216 10.29 10.71 3.08
C GLU A 216 11.22 9.91 2.20
N HIS A 217 10.81 9.65 0.96
CA HIS A 217 11.68 9.05 -0.05
C HIS A 217 12.32 10.10 -0.98
N ASN A 218 12.08 11.37 -0.67
CA ASN A 218 12.79 12.51 -1.25
C ASN A 218 12.45 12.79 -2.72
N HIS A 219 11.34 12.28 -3.19
CA HIS A 219 10.97 12.45 -4.60
C HIS A 219 10.63 13.90 -4.92
N PHE A 220 10.26 14.66 -3.92
CA PHE A 220 9.91 16.05 -4.12
C PHE A 220 11.08 16.89 -4.58
N GLN A 221 12.30 16.40 -4.39
CA GLN A 221 13.47 17.15 -4.82
C GLN A 221 13.44 17.33 -6.33
N SER A 222 12.89 16.35 -7.05
CA SER A 222 12.77 16.44 -8.49
C SER A 222 11.37 16.80 -9.00
N ALA A 223 10.34 16.52 -8.22
CA ALA A 223 8.98 16.70 -8.69
C ALA A 223 8.25 17.66 -7.78
N LYS A 224 7.96 18.85 -8.29
CA LYS A 224 7.37 19.91 -7.49
C LYS A 224 5.89 20.16 -7.79
N TYR A 225 5.25 19.25 -8.53
CA TYR A 225 3.84 19.39 -8.87
C TYR A 225 3.13 18.10 -8.50
N TYR A 226 2.06 18.22 -7.74
CA TYR A 226 1.36 17.07 -7.17
C TYR A 226 -0.12 17.20 -7.49
N THR A 227 -0.56 16.41 -8.46
CA THR A 227 -1.95 16.49 -8.95
C THR A 227 -2.80 15.49 -8.21
N LEU A 228 -3.81 16.00 -7.51
CA LEU A 228 -4.60 15.20 -6.57
C LEU A 228 -5.68 14.37 -7.25
N THR A 229 -5.21 13.42 -8.06
CA THR A 229 -6.07 12.46 -8.73
C THR A 229 -6.69 11.43 -7.79
N GLY A 230 -5.97 11.05 -6.73
CA GLY A 230 -6.45 10.02 -5.81
C GLY A 230 -6.94 8.77 -6.51
N HIS A 231 -6.23 8.36 -7.55
CA HIS A 231 -6.66 7.30 -8.45
C HIS A 231 -6.59 5.89 -7.85
N LEU A 232 -5.79 5.72 -6.79
CA LEU A 232 -5.67 4.44 -6.09
C LEU A 232 -5.67 4.67 -4.61
N ILE A 233 -6.29 3.75 -3.89
CA ILE A 233 -6.22 3.74 -2.43
C ILE A 233 -5.87 2.30 -2.08
N LEU A 234 -4.58 2.03 -1.89
CA LEU A 234 -4.10 0.66 -1.79
C LEU A 234 -3.80 0.30 -0.37
N PRO A 235 -4.60 -0.60 0.22
CA PRO A 235 -4.30 -1.11 1.56
C PRO A 235 -3.00 -1.90 1.53
N GLU A 236 -2.43 -2.14 2.70
CA GLU A 236 -1.09 -2.72 2.77
C GLU A 236 -1.10 -3.90 3.74
N PRO A 237 -1.09 -5.11 3.22
CA PRO A 237 -1.18 -6.23 4.16
C PRO A 237 0.10 -6.45 4.97
N VAL A 238 -0.07 -6.80 6.24
CA VAL A 238 0.99 -7.32 7.07
C VAL A 238 0.92 -8.83 6.91
N VAL A 239 2.03 -9.45 6.52
CA VAL A 239 2.09 -10.87 6.25
C VAL A 239 3.20 -11.54 7.04
N SER A 241 5.46 -15.26 6.87
CA SER A 241 5.79 -16.51 6.22
C SER A 241 4.95 -17.63 6.82
N LYS A 242 4.32 -18.44 5.99
CA LYS A 242 3.53 -19.53 6.54
C LYS A 242 4.43 -20.57 7.22
N THR A 243 5.67 -20.69 6.76
CA THR A 243 6.64 -21.57 7.41
C THR A 243 6.81 -21.16 8.87
N THR A 244 6.99 -19.86 9.11
CA THR A 244 7.12 -19.31 10.44
C THR A 244 5.82 -19.47 11.24
N TRP A 245 4.69 -19.10 10.62
CA TRP A 245 3.39 -19.25 11.25
C TRP A 245 3.17 -20.66 11.81
N ASN A 246 3.56 -21.66 11.04
CA ASN A 246 3.31 -23.04 11.42
C ASN A 246 4.17 -23.48 12.60
N LYS A 247 5.19 -22.69 12.93
CA LYS A 247 6.05 -22.97 14.08
C LYS A 247 5.52 -22.36 15.38
N LEU A 248 4.51 -21.51 15.26
CA LEU A 248 3.87 -20.93 16.44
C LEU A 248 2.85 -21.88 17.02
N THR A 249 2.68 -21.85 18.33
CA THR A 249 1.56 -22.57 18.94
C THR A 249 0.23 -21.89 18.59
N PRO A 250 -0.91 -22.55 18.78
CA PRO A 250 -2.16 -21.84 18.52
C PRO A 250 -2.31 -20.62 19.41
N GLU A 251 -1.87 -20.67 20.66
CA GLU A 251 -1.97 -19.51 21.54
C GLU A 251 -1.09 -18.37 21.01
N GLN A 252 0.09 -18.70 20.49
CA GLN A 252 0.93 -17.65 19.92
C GLN A 252 0.30 -17.08 18.66
N GLN A 253 -0.33 -17.93 17.85
CA GLN A 253 -1.02 -17.46 16.66
C GLN A 253 -2.12 -16.49 16.99
N VAL A 254 -2.90 -16.79 18.02
CA VAL A 254 -3.94 -15.87 18.46
C VAL A 254 -3.36 -14.53 18.93
N LEU A 255 -2.26 -14.57 19.68
CA LEU A 255 -1.58 -13.36 20.07
C LEU A 255 -1.20 -12.52 18.86
N VAL A 256 -0.65 -13.17 17.86
CA VAL A 256 -0.19 -12.46 16.66
C VAL A 256 -1.40 -11.82 15.97
N LYS A 257 -2.48 -12.57 15.83
CA LYS A 257 -3.70 -12.03 15.21
C LYS A 257 -4.18 -10.80 15.97
N LYS A 258 -4.23 -10.91 17.28
CA LYS A 258 -4.67 -9.80 18.12
C LYS A 258 -3.82 -8.55 17.94
N VAL A 259 -2.51 -8.68 18.07
CA VAL A 259 -1.65 -7.51 18.02
C VAL A 259 -1.53 -6.96 16.60
N ALA A 260 -1.69 -7.80 15.58
CA ALA A 260 -1.72 -7.30 14.20
C ALA A 260 -2.96 -6.42 13.96
N ARG A 261 -4.11 -6.87 14.44
CA ARG A 261 -5.34 -6.08 14.30
C ARG A 261 -5.19 -4.78 15.11
N GLU A 262 -4.58 -4.84 16.28
CA GLU A 262 -4.35 -3.63 17.04
C GLU A 262 -3.43 -2.68 16.29
N ALA A 263 -2.44 -3.21 15.58
CA ALA A 263 -1.51 -2.36 14.82
C ALA A 263 -2.22 -1.67 13.64
N GLN A 264 -3.18 -2.33 13.03
CA GLN A 264 -4.02 -1.73 11.99
C GLN A 264 -4.65 -0.44 12.53
N GLU A 266 -3.72 1.30 15.43
CA GLU A 266 -2.71 2.23 15.90
C GLU A 266 -2.08 2.99 14.76
N GLU A 267 -1.82 2.29 13.65
CA GLU A 267 -1.16 2.91 12.52
C GLU A 267 -2.07 3.95 11.87
N ARG A 268 -3.38 3.77 11.95
CA ARG A 268 -4.31 4.76 11.41
C ARG A 268 -4.07 6.14 12.02
N ALA A 269 -3.96 6.22 13.33
CA ALA A 269 -3.73 7.50 13.96
C ALA A 269 -2.36 8.08 13.58
N LEU A 270 -1.34 7.23 13.54
CA LEU A 270 -0.01 7.68 13.14
C LEU A 270 -0.01 8.16 11.68
N TRP A 271 -0.79 7.48 10.86
CA TRP A 271 -0.86 7.81 9.44
C TRP A 271 -1.47 9.19 9.26
N ASP A 272 -2.60 9.44 9.93
CA ASP A 272 -3.29 10.71 9.75
C ASP A 272 -2.38 11.86 10.16
N ALA A 273 -1.65 11.67 11.25
CA ALA A 273 -0.75 12.73 11.73
C ALA A 273 0.37 12.96 10.71
N LYS A 274 0.97 11.89 10.23
CA LYS A 274 2.09 11.99 9.33
C LYS A 274 1.66 12.56 7.99
N SER A 275 0.51 12.15 7.48
CA SER A 275 0.05 12.64 6.19
C SER A 275 -0.15 14.16 6.22
N ALA A 276 -0.80 14.65 7.27
CA ALA A 276 -1.04 16.09 7.38
C ALA A 276 0.30 16.82 7.53
N ALA A 277 1.20 16.30 8.34
CA ALA A 277 2.50 16.94 8.56
C ALA A 277 3.28 16.99 7.25
N SER A 278 3.22 15.89 6.50
CA SER A 278 3.95 15.77 5.25
C SER A 278 3.43 16.76 4.22
N GLU A 279 2.12 16.94 4.13
CA GLU A 279 1.55 17.91 3.20
C GLU A 279 2.10 19.29 3.48
N GLU A 280 2.15 19.65 4.75
CA GLU A 280 2.62 20.99 5.11
C GLU A 280 4.11 21.16 4.80
N LYS A 281 4.90 20.14 5.08
CA LYS A 281 6.34 20.17 4.81
C LYS A 281 6.61 20.25 3.29
N LEU A 282 5.82 19.54 2.49
CA LEU A 282 5.96 19.53 1.04
C LEU A 282 5.62 20.89 0.46
N LYS A 283 4.54 21.51 0.93
CA LYS A 283 4.17 22.84 0.48
C LYS A 283 5.27 23.82 0.81
N ALA A 284 5.85 23.72 2.02
CA ALA A 284 6.95 24.61 2.41
C ALA A 284 8.20 24.40 1.56
N ALA A 285 8.38 23.19 1.01
CA ALA A 285 9.50 22.90 0.13
C ALA A 285 9.23 23.34 -1.31
N GLY A 286 8.05 23.88 -1.57
CA GLY A 286 7.72 24.41 -2.89
C GLY A 286 6.89 23.50 -3.77
N VAL A 287 6.34 22.43 -3.21
CA VAL A 287 5.45 21.57 -3.97
C VAL A 287 4.07 22.20 -4.08
N GLU A 288 3.57 22.28 -5.33
CA GLU A 288 2.23 22.81 -5.58
C GLU A 288 1.24 21.64 -5.58
N PHE A 289 0.22 21.69 -4.75
CA PHE A 289 -0.84 20.68 -4.75
C PHE A 289 -1.91 21.18 -5.69
N ILE A 290 -2.16 20.42 -6.74
CA ILE A 290 -3.07 20.82 -7.82
C ILE A 290 -4.36 20.03 -7.70
N THR A 291 -5.45 20.73 -7.43
CA THR A 291 -6.76 20.14 -7.37
C THR A 291 -7.28 19.92 -8.78
N VAL A 292 -7.81 18.73 -9.03
CA VAL A 292 -8.47 18.41 -10.30
C VAL A 292 -9.82 17.70 -10.09
N ASP A 293 -10.71 17.82 -11.07
CA ASP A 293 -11.93 17.04 -11.08
C ASP A 293 -11.52 15.60 -11.35
N LYS A 294 -11.94 14.70 -10.48
CA LYS A 294 -11.59 13.30 -10.61
C LYS A 294 -12.38 12.60 -11.72
N LYS A 295 -13.52 13.16 -12.12
CA LYS A 295 -14.41 12.51 -13.09
C LYS A 295 -13.72 12.07 -14.39
N PRO A 296 -12.92 12.96 -14.99
CA PRO A 296 -12.27 12.52 -16.24
C PRO A 296 -11.34 11.32 -16.04
N PHE A 297 -10.69 11.25 -14.88
CA PHE A 297 -9.80 10.14 -14.56
C PHE A 297 -10.59 8.87 -14.27
N TYR A 298 -11.73 9.02 -13.60
CA TYR A 298 -12.62 7.90 -13.36
C TYR A 298 -13.12 7.35 -14.72
N ASP A 299 -13.53 8.26 -15.60
CA ASP A 299 -14.07 7.84 -16.88
C ASP A 299 -13.01 7.15 -17.72
N ALA A 300 -11.79 7.68 -17.67
CA ALA A 300 -10.70 7.15 -18.47
C ALA A 300 -10.35 5.73 -18.04
N THR A 301 -10.61 5.40 -16.79
CA THR A 301 -10.23 4.10 -16.25
C THR A 301 -11.39 3.10 -16.17
N ALA A 302 -12.54 3.46 -16.75
CA ALA A 302 -13.65 2.53 -16.77
C ALA A 302 -13.24 1.23 -17.45
N SER A 303 -12.47 1.32 -18.53
CA SER A 303 -12.03 0.14 -19.26
C SER A 303 -11.18 -0.81 -18.40
N VAL A 304 -10.42 -0.23 -17.48
CA VAL A 304 -9.57 -1.02 -16.59
C VAL A 304 -10.43 -1.77 -15.59
N ARG A 305 -11.43 -1.11 -15.00
CA ARG A 305 -12.33 -1.78 -14.08
C ARG A 305 -13.15 -2.85 -14.79
N GLU A 306 -13.48 -2.63 -16.05
CA GLU A 306 -14.21 -3.64 -16.79
C GLU A 306 -13.33 -4.85 -17.02
N LYS A 307 -12.09 -4.61 -17.43
CA LYS A 307 -11.14 -5.67 -17.74
C LYS A 307 -10.79 -6.50 -16.51
N TYR A 308 -10.40 -5.83 -15.44
CA TYR A 308 -9.92 -6.53 -14.24
C TYR A 308 -11.02 -6.87 -13.25
N GLY A 309 -12.18 -6.25 -13.39
CA GLY A 309 -13.25 -6.43 -12.42
C GLY A 309 -14.32 -7.43 -12.82
N ALA A 310 -14.21 -8.02 -13.99
CA ALA A 310 -15.26 -8.93 -14.46
C ALA A 310 -15.59 -10.00 -13.41
N GLN A 311 -14.56 -10.56 -12.79
CA GLN A 311 -14.78 -11.67 -11.87
C GLN A 311 -15.02 -11.21 -10.44
N TYR A 312 -15.12 -9.90 -10.25
CA TYR A 312 -15.36 -9.34 -8.92
C TYR A 312 -16.69 -8.62 -8.82
N ALA A 313 -17.64 -8.95 -9.66
CA ALA A 313 -18.91 -8.22 -9.71
C ALA A 313 -19.60 -8.18 -8.35
N ASP A 314 -19.63 -9.31 -7.65
CA ASP A 314 -20.33 -9.32 -6.36
C ASP A 314 -19.58 -8.50 -5.32
N LEU A 315 -18.26 -8.66 -5.23
CA LEU A 315 -17.49 -7.85 -4.29
C LEU A 315 -17.67 -6.35 -4.57
N LYS A 317 -20.23 -4.81 -5.95
CA LYS A 317 -21.56 -4.44 -5.47
C LYS A 317 -21.54 -4.23 -3.95
N ARG A 318 -20.91 -5.16 -3.23
CA ARG A 318 -20.88 -5.07 -1.79
C ARG A 318 -20.07 -3.87 -1.32
N ILE A 319 -18.91 -3.65 -1.94
CA ILE A 319 -18.08 -2.52 -1.58
C ILE A 319 -18.83 -1.21 -1.80
N ASP A 320 -19.43 -1.07 -2.97
CA ASP A 320 -20.17 0.14 -3.31
C ASP A 320 -21.30 0.43 -2.32
N ALA A 321 -21.89 -0.62 -1.74
CA ALA A 321 -23.01 -0.44 -0.85
C ALA A 321 -22.62 -0.06 0.59
N VAL A 322 -21.33 -0.14 0.92
CA VAL A 322 -20.88 0.29 2.25
C VAL A 322 -20.82 1.82 2.28
N GLN A 323 -21.60 2.44 3.15
CA GLN A 323 -21.72 3.89 3.07
C GLN A 323 -21.70 4.57 4.42
N ALA A 324 -22.88 4.88 4.95
CA ALA A 324 -22.97 5.76 6.12
C ALA A 324 -22.61 5.06 7.43
N GLU A 325 -22.84 3.76 7.52
CA GLU A 325 -22.73 3.08 8.80
C GLU A 325 -21.38 2.39 8.96
N ASN A 326 -21.17 1.79 10.12
CA ASN A 326 -19.92 1.11 10.43
C ASN A 326 -20.15 -0.31 10.85
N LEU A 327 -20.93 -1.02 10.08
CA LEU A 327 -21.23 -2.38 10.39
C LEU A 327 -20.04 -3.26 10.04
N TYR A 328 -19.90 -4.37 10.75
CA TYR A 328 -19.00 -5.41 10.35
C TYR A 328 -19.47 -6.10 9.07
N PHE A 329 -20.73 -6.56 9.05
CA PHE A 329 -21.23 -7.27 7.88
C PHE A 329 -21.35 -6.33 6.69
N GLN A 330 -20.96 -6.82 5.52
CA GLN A 330 -20.90 -6.05 4.28
C GLN A 330 -21.23 -6.99 3.15
#